data_5CKK
#
_entry.id   5CKK
#
_cell.length_a   83.155
_cell.length_b   83.155
_cell.length_c   55.995
_cell.angle_alpha   90.00
_cell.angle_beta   90.00
_cell.angle_gamma   90.00
#
_symmetry.space_group_name_H-M   'P 43 21 2'
#
loop_
_entity.id
_entity.type
_entity.pdbx_description
1 polymer 'DNA (44-MER)'
2 polymer "RNA (5'-R(P*GP*CP*AP*CP*UP*AP*GP*AP*UP*CP*GP*GP*AP*UP*G)-3')"
3 non-polymer 'MAGNESIUM ION'
#
loop_
_entity_poly.entity_id
_entity_poly.type
_entity_poly.pdbx_seq_one_letter_code
_entity_poly.pdbx_strand_id
1 'polydeoxyribonucleotide'
;(DA)(DT)(DC)(DC)(DG)(DA)(DT)(DG)(DG)(DA)(DT)(DC)(DA)(DT)(DA)(DC)(DG)(DG)(DT)(DC)
(DG)(DG)(DA)(DG)(DG)(DG)(DG)(DT)(DT)(DT)(DG)(DC)(DC)(DG)(DT)(DT)(DT)(DA)(DA)(DG)
(DT)(DG)(DC)(DC)
;
Y
2 'polyribonucleotide' GCACUAGAUCGGAUG D
#